data_4LXQ
#
_entry.id   4LXQ
#
_cell.length_a   97.861
_cell.length_b   63.259
_cell.length_c   136.212
_cell.angle_alpha   90.00
_cell.angle_beta   110.04
_cell.angle_gamma   90.00
#
_symmetry.space_group_name_H-M   'C 1 2 1'
#
loop_
_entity.id
_entity.type
_entity.pdbx_description
1 polymer 'WlaRD, a sugar 3N-formyl transferase'
2 non-polymer 'N-{[4-({[(6R)-2-amino-5-formyl-4-oxo-1,4,5,6,7,8-hexahydropteridin-6-yl]methyl}amino)phenyl]carbonyl}-L-glutamic acid'
3 non-polymer "THYMIDINE-5'-DIPHOSPHATE"
4 non-polymer '3[N-MORPHOLINO]PROPANE SULFONIC ACID'
5 non-polymer 1,2-ETHANEDIOL
6 non-polymer 'CHLORIDE ION'
7 water water
#
_entity_poly.entity_id   1
_entity_poly.type   'polypeptide(L)'
_entity_poly.pdbx_seq_one_letter_code
;GHMIKICIAGKNNIAVNSLQFILKNYFEADQIVVIPNKNDKGIDSWQKSLLKFALDNNIKIVTLDEIYNIEQIIFFSLEF
DQIIKIENFKSDRLFNIHFSALPKYKGVFTSITPILNNELESGVTLHRIDNGIDTGNIIDQHCFPIDINDTARDLYFNYL
KYGESIFKKNIQTIINNSYKDLKQTNINSSYFSRKDINLVHKINFKKTSFEIHNQIRAFIFQEYQLPIINNSKIIKSILA
NEFIGYNVFEEFENYFIISGIDGFKIIAQKLNKL
;
_entity_poly.pdbx_strand_id   A,B
#
# COMPACT_ATOMS: atom_id res chain seq x y z
N GLY A 1 -43.09 25.09 -0.18
CA GLY A 1 -42.20 23.94 0.08
C GLY A 1 -42.45 23.50 1.51
N HIS A 2 -41.92 22.32 1.85
CA HIS A 2 -42.07 21.77 3.19
C HIS A 2 -41.39 22.71 4.18
N MET A 3 -41.86 22.71 5.43
CA MET A 3 -41.18 23.43 6.51
C MET A 3 -39.71 23.01 6.63
N ILE A 4 -39.47 21.70 6.52
CA ILE A 4 -38.11 21.17 6.80
C ILE A 4 -37.26 21.30 5.54
N LYS A 5 -36.09 21.89 5.74
CA LYS A 5 -35.14 22.14 4.66
C LYS A 5 -33.91 21.20 4.65
N ILE A 6 -33.52 20.74 5.83
CA ILE A 6 -32.23 20.03 5.95
C ILE A 6 -32.30 19.08 7.11
N CYS A 7 -31.62 17.95 6.92
CA CYS A 7 -31.43 16.95 7.98
C CYS A 7 -29.94 16.71 8.18
N ILE A 8 -29.49 16.83 9.42
CA ILE A 8 -28.12 16.46 9.82
C ILE A 8 -28.23 15.11 10.52
N ALA A 9 -27.55 14.13 9.95
CA ALA A 9 -27.56 12.74 10.47
C ALA A 9 -26.13 12.32 10.84
N GLY A 10 -25.92 11.86 12.07
CA GLY A 10 -24.58 11.45 12.45
C GLY A 10 -24.22 11.81 13.88
N LYS A 11 -22.94 12.06 14.08
CA LYS A 11 -22.43 12.19 15.46
C LYS A 11 -21.18 13.06 15.53
N ASN A 12 -20.83 13.35 16.79
CA ASN A 12 -19.53 13.90 17.21
C ASN A 12 -19.39 15.35 16.79
N ASN A 13 -18.22 15.95 17.00
CA ASN A 13 -18.08 17.39 16.91
C ASN A 13 -18.28 17.88 15.49
N ILE A 14 -17.99 17.05 14.49
CA ILE A 14 -18.27 17.47 13.14
C ILE A 14 -19.78 17.68 12.93
N ALA A 15 -20.62 16.77 13.40
CA ALA A 15 -22.07 16.95 13.26
C ALA A 15 -22.57 18.11 14.10
N VAL A 16 -22.16 18.17 15.36
CA VAL A 16 -22.66 19.21 16.25
C VAL A 16 -22.24 20.57 15.74
N ASN A 17 -20.98 20.76 15.38
CA ASN A 17 -20.48 22.08 15.00
C ASN A 17 -20.98 22.51 13.63
N SER A 18 -21.21 21.55 12.74
CA SER A 18 -21.78 21.89 11.44
C SER A 18 -23.26 22.27 11.62
N LEU A 19 -23.97 21.59 12.51
CA LEU A 19 -25.36 21.96 12.81
C LEU A 19 -25.39 23.36 13.44
N GLN A 20 -24.51 23.65 14.38
CA GLN A 20 -24.46 24.98 14.96
C GLN A 20 -24.24 26.02 13.89
N PHE A 21 -23.35 25.75 12.95
CA PHE A 21 -23.03 26.70 11.89
C PHE A 21 -24.26 26.99 11.06
N ILE A 22 -25.03 25.98 10.64
CA ILE A 22 -26.16 26.27 9.76
C ILE A 22 -27.30 26.90 10.55
N LEU A 23 -27.44 26.59 11.83
CA LEU A 23 -28.47 27.23 12.69
C LEU A 23 -28.13 28.71 12.82
N LYS A 24 -26.86 29.07 12.93
CA LYS A 24 -26.47 30.48 13.04
C LYS A 24 -26.58 31.22 11.72
N ASN A 25 -26.21 30.60 10.61
CA ASN A 25 -26.02 31.29 9.33
C ASN A 25 -27.07 31.12 8.24
N TYR A 26 -27.90 30.08 8.35
CA TYR A 26 -28.84 29.81 7.27
C TYR A 26 -30.27 29.52 7.68
N PHE A 27 -30.50 28.69 8.68
CA PHE A 27 -31.80 28.09 8.89
C PHE A 27 -32.34 28.40 10.26
N GLU A 28 -33.66 28.49 10.39
CA GLU A 28 -34.33 28.47 11.67
C GLU A 28 -34.44 27.07 12.25
N ALA A 29 -34.58 26.95 13.56
CA ALA A 29 -34.73 25.63 14.17
C ALA A 29 -35.78 24.74 13.54
N ASP A 30 -36.93 25.31 13.21
CA ASP A 30 -38.02 24.50 12.65
C ASP A 30 -37.70 23.94 11.27
N GLN A 31 -36.68 24.49 10.62
CA GLN A 31 -36.29 24.07 9.26
C GLN A 31 -35.29 22.90 9.28
N ILE A 32 -34.81 22.54 10.47
CA ILE A 32 -33.75 21.52 10.59
C ILE A 32 -34.27 20.34 11.38
N VAL A 33 -33.91 19.11 10.97
CA VAL A 33 -34.16 17.92 11.77
C VAL A 33 -32.85 17.12 11.87
N VAL A 34 -32.78 16.26 12.88
CA VAL A 34 -31.55 15.49 13.08
CA VAL A 34 -31.57 15.51 13.12
C VAL A 34 -31.89 14.03 13.20
N ILE A 35 -30.95 13.20 12.76
CA ILE A 35 -31.00 11.76 13.04
C ILE A 35 -29.70 11.35 13.74
N PRO A 36 -29.73 11.20 15.07
CA PRO A 36 -28.51 10.79 15.79
C PRO A 36 -28.19 9.33 15.47
N ASN A 37 -26.94 8.96 15.74
CA ASN A 37 -26.55 7.56 15.63
C ASN A 37 -27.18 6.74 16.75
N LYS A 38 -27.13 5.42 16.55
CA LYS A 38 -27.88 4.48 17.38
C LYS A 38 -27.52 4.55 18.85
N ASN A 39 -26.28 4.88 19.14
CA ASN A 39 -25.77 4.83 20.50
C ASN A 39 -25.74 6.19 21.21
N ASP A 40 -26.27 7.23 20.58
CA ASP A 40 -26.30 8.55 21.16
C ASP A 40 -27.46 8.60 22.15
N LYS A 41 -27.10 8.83 23.41
CA LYS A 41 -28.10 8.93 24.48
C LYS A 41 -28.23 10.33 25.04
N GLY A 42 -27.64 11.31 24.36
CA GLY A 42 -27.73 12.70 24.76
C GLY A 42 -26.73 13.16 25.80
N ILE A 43 -25.61 12.45 25.95
CA ILE A 43 -24.60 12.76 26.96
C ILE A 43 -23.29 13.13 26.26
N ASP A 44 -22.78 14.33 26.46
CA ASP A 44 -21.47 14.70 25.93
C ASP A 44 -20.40 13.86 26.58
N SER A 45 -19.34 13.54 25.84
CA SER A 45 -18.23 12.79 26.42
C SER A 45 -16.94 13.36 25.84
N TRP A 46 -16.08 12.52 25.24
CA TRP A 46 -14.88 13.05 24.59
C TRP A 46 -15.20 13.68 23.22
N GLN A 47 -16.45 13.52 22.81
CA GLN A 47 -17.07 14.29 21.72
C GLN A 47 -18.46 14.73 22.18
N LYS A 48 -18.96 15.83 21.64
CA LYS A 48 -20.33 16.29 21.93
C LYS A 48 -21.38 15.35 21.36
N SER A 49 -22.53 15.32 22.03
CA SER A 49 -23.70 14.57 21.60
C SER A 49 -24.56 15.39 20.63
N LEU A 50 -24.84 14.84 19.45
CA LEU A 50 -25.76 15.49 18.50
C LEU A 50 -27.18 15.54 19.06
N LEU A 51 -27.62 14.44 19.67
CA LEU A 51 -28.94 14.42 20.30
C LEU A 51 -29.07 15.54 21.32
N LYS A 52 -28.07 15.70 22.18
CA LYS A 52 -28.15 16.77 23.20
C LYS A 52 -28.20 18.15 22.57
N PHE A 53 -27.40 18.45 21.55
CA PHE A 53 -27.45 19.75 20.94
C PHE A 53 -28.83 19.99 20.34
N ALA A 54 -29.37 19.01 19.61
CA ALA A 54 -30.73 19.18 19.06
C ALA A 54 -31.79 19.47 20.11
N LEU A 55 -31.79 18.68 21.19
CA LEU A 55 -32.80 18.92 22.25
C LEU A 55 -32.59 20.31 22.84
N ASP A 56 -31.35 20.69 23.12
CA ASP A 56 -31.07 21.99 23.75
C ASP A 56 -31.44 23.17 22.86
N ASN A 57 -31.57 22.92 21.56
CA ASN A 57 -31.81 24.03 20.62
C ASN A 57 -33.12 23.90 19.87
N ASN A 58 -33.99 23.04 20.39
CA ASN A 58 -35.35 22.92 19.88
C ASN A 58 -35.40 22.42 18.44
N ILE A 59 -34.50 21.49 18.13
CA ILE A 59 -34.48 20.83 16.82
C ILE A 59 -35.02 19.42 16.94
N LYS A 60 -35.96 19.08 16.06
CA LYS A 60 -36.65 17.81 16.18
C LYS A 60 -35.77 16.62 15.74
N ILE A 61 -35.98 15.51 16.41
CA ILE A 61 -35.32 14.26 16.09
C ILE A 61 -36.30 13.47 15.23
N VAL A 62 -35.80 12.93 14.12
CA VAL A 62 -36.63 12.20 13.15
C VAL A 62 -35.99 10.84 12.83
N THR A 63 -36.75 9.99 12.14
CA THR A 63 -36.18 8.78 11.53
C THR A 63 -36.06 9.00 10.02
N LEU A 64 -35.34 8.11 9.34
CA LEU A 64 -35.25 8.20 7.89
C LEU A 64 -36.63 8.14 7.24
N ASP A 65 -37.47 7.23 7.74
CA ASP A 65 -38.80 7.09 7.15
C ASP A 65 -39.59 8.41 7.17
N GLU A 66 -39.34 9.27 8.15
CA GLU A 66 -40.06 10.55 8.28
C GLU A 66 -39.60 11.60 7.30
N ILE A 67 -38.43 11.41 6.69
CA ILE A 67 -37.92 12.41 5.75
C ILE A 67 -37.92 12.01 4.27
N TYR A 68 -38.14 10.73 3.99
CA TYR A 68 -38.07 10.27 2.60
C TYR A 68 -38.87 11.11 1.61
N ASN A 69 -40.07 11.51 2.04
CA ASN A 69 -41.02 12.14 1.12
C ASN A 69 -40.95 13.65 1.15
N ILE A 70 -39.94 14.22 1.80
CA ILE A 70 -39.82 15.67 1.86
C ILE A 70 -39.13 16.18 0.62
N GLU A 71 -39.88 16.81 -0.27
CA GLU A 71 -39.30 17.34 -1.48
C GLU A 71 -38.18 18.32 -1.17
N GLN A 72 -37.10 18.16 -1.91
CA GLN A 72 -35.99 19.11 -1.92
C GLN A 72 -35.17 19.16 -0.62
N ILE A 73 -35.42 18.25 0.33
CA ILE A 73 -34.62 18.26 1.56
C ILE A 73 -33.14 18.05 1.23
N ILE A 74 -32.29 18.79 1.94
CA ILE A 74 -30.85 18.46 1.97
C ILE A 74 -30.60 17.43 3.07
N PHE A 75 -30.06 16.27 2.68
CA PHE A 75 -29.69 15.25 3.66
C PHE A 75 -28.17 15.23 3.76
N PHE A 76 -27.66 15.44 4.97
CA PHE A 76 -26.22 15.48 5.17
C PHE A 76 -25.79 14.48 6.24
N SER A 77 -25.04 13.47 5.82
CA SER A 77 -24.44 12.50 6.73
C SER A 77 -23.05 12.99 7.17
N LEU A 78 -22.90 13.08 8.50
CA LEU A 78 -21.64 13.50 9.14
C LEU A 78 -21.34 12.44 10.21
N GLU A 79 -20.68 11.36 9.77
CA GLU A 79 -20.43 10.18 10.59
C GLU A 79 -21.66 9.37 10.93
N PHE A 80 -22.65 9.44 10.04
CA PHE A 80 -23.87 8.64 10.22
C PHE A 80 -23.63 7.14 10.03
N ASP A 81 -24.41 6.36 10.78
CA ASP A 81 -24.16 4.93 10.89
C ASP A 81 -25.07 4.08 10.06
N GLN A 82 -26.01 4.62 9.29
CA GLN A 82 -26.91 3.77 8.49
C GLN A 82 -26.70 3.97 7.00
N ILE A 83 -26.57 2.90 6.21
CA ILE A 83 -26.52 3.00 4.76
C ILE A 83 -27.92 3.35 4.25
N ILE A 84 -28.00 4.38 3.42
CA ILE A 84 -29.27 4.75 2.82
C ILE A 84 -29.37 4.17 1.42
N LYS A 85 -30.61 4.07 0.95
CA LYS A 85 -30.91 3.68 -0.43
C LYS A 85 -31.52 4.90 -1.09
N ILE A 86 -30.88 5.39 -2.15
CA ILE A 86 -31.25 6.70 -2.65
C ILE A 86 -32.69 6.72 -3.24
N GLU A 87 -33.20 5.57 -3.70
CA GLU A 87 -34.53 5.59 -4.34
C GLU A 87 -35.61 5.69 -3.26
N ASN A 88 -35.29 5.56 -1.98
CA ASN A 88 -36.27 5.89 -0.94
C ASN A 88 -36.62 7.37 -0.94
N PHE A 89 -35.69 8.24 -1.31
CA PHE A 89 -35.84 9.69 -1.12
C PHE A 89 -36.43 10.30 -2.40
N LYS A 90 -37.38 11.23 -2.21
CA LYS A 90 -37.80 12.10 -3.30
C LYS A 90 -36.67 13.02 -3.74
N SER A 91 -35.95 13.56 -2.76
CA SER A 91 -34.85 14.48 -3.00
C SER A 91 -33.59 13.75 -3.48
N ASP A 92 -32.85 14.43 -4.36
CA ASP A 92 -31.54 13.92 -4.79
C ASP A 92 -30.42 14.71 -4.13
N ARG A 93 -30.71 15.49 -3.11
CA ARG A 93 -29.69 16.32 -2.46
C ARG A 93 -29.11 15.64 -1.21
N LEU A 94 -28.34 14.59 -1.48
CA LEU A 94 -27.88 13.64 -0.45
C LEU A 94 -26.35 13.67 -0.40
N PHE A 95 -25.76 14.00 0.74
CA PHE A 95 -24.31 14.29 0.79
C PHE A 95 -23.69 13.64 2.02
N ASN A 96 -22.40 13.30 1.93
CA ASN A 96 -21.64 12.73 3.04
C ASN A 96 -20.27 13.39 3.04
N ILE A 97 -19.71 13.52 4.24
CA ILE A 97 -18.27 13.75 4.39
C ILE A 97 -17.60 12.47 4.88
N HIS A 98 -16.71 11.93 4.05
CA HIS A 98 -16.04 10.67 4.39
C HIS A 98 -14.63 10.98 4.86
N PHE A 99 -14.25 10.29 5.94
CA PHE A 99 -12.91 10.50 6.55
C PHE A 99 -11.82 9.69 5.84
N SER A 100 -11.57 10.01 4.56
CA SER A 100 -10.37 9.51 3.88
C SER A 100 -10.19 10.36 2.66
N ALA A 101 -9.04 10.21 2.01
CA ALA A 101 -8.80 10.85 0.72
C ALA A 101 -9.27 9.87 -0.37
N LEU A 102 -10.58 9.90 -0.65
CA LEU A 102 -11.20 9.03 -1.66
C LEU A 102 -10.49 9.28 -3.02
N PRO A 103 -10.29 8.22 -3.80
CA PRO A 103 -10.95 6.94 -3.71
C PRO A 103 -10.33 5.94 -2.75
N LYS A 104 -9.22 6.28 -2.08
CA LYS A 104 -8.64 5.33 -1.13
C LYS A 104 -9.46 5.25 0.16
N TYR A 105 -9.50 4.07 0.78
CA TYR A 105 -10.00 3.85 2.14
C TYR A 105 -11.48 4.19 2.24
N LYS A 106 -12.22 3.70 1.27
CA LYS A 106 -13.65 3.47 1.49
C LYS A 106 -13.89 2.54 2.67
N GLY A 107 -15.09 2.55 3.22
CA GLY A 107 -15.47 1.60 4.28
C GLY A 107 -15.21 2.21 5.65
N VAL A 108 -14.71 1.38 6.58
CA VAL A 108 -14.76 1.77 7.98
C VAL A 108 -13.36 1.83 8.61
N PHE A 109 -13.37 2.26 9.87
CA PHE A 109 -12.12 2.31 10.67
C PHE A 109 -11.06 3.11 9.91
N THR A 110 -11.42 4.26 9.35
CA THR A 110 -10.50 4.99 8.51
C THR A 110 -9.43 5.81 9.23
N SER A 111 -9.44 5.81 10.57
CA SER A 111 -8.30 6.31 11.33
C SER A 111 -7.26 5.21 11.52
N ILE A 112 -7.61 3.98 11.24
CA ILE A 112 -6.71 2.82 11.37
C ILE A 112 -6.14 2.46 10.02
N THR A 113 -7.03 2.33 9.02
CA THR A 113 -6.61 1.72 7.76
C THR A 113 -5.48 2.47 7.01
N PRO A 114 -5.49 3.80 6.92
CA PRO A 114 -4.41 4.46 6.21
C PRO A 114 -3.06 4.27 6.90
N ILE A 115 -3.07 4.31 8.23
CA ILE A 115 -1.80 4.13 8.98
C ILE A 115 -1.27 2.72 8.78
N LEU A 116 -2.15 1.74 8.91
CA LEU A 116 -1.79 0.35 8.79
C LEU A 116 -1.26 0.07 7.40
N ASN A 117 -1.75 0.79 6.38
CA ASN A 117 -1.30 0.62 5.01
C ASN A 117 -0.25 1.64 4.64
N ASN A 118 0.45 2.16 5.65
CA ASN A 118 1.73 2.88 5.44
C ASN A 118 1.65 4.23 4.76
N GLU A 119 0.47 4.85 4.85
CA GLU A 119 0.32 6.18 4.26
C GLU A 119 1.01 7.28 5.05
N LEU A 120 1.40 8.33 4.33
CA LEU A 120 1.99 9.55 4.91
C LEU A 120 0.98 10.69 4.95
N GLU A 121 -0.19 10.47 4.33
CA GLU A 121 -1.23 11.51 4.23
C GLU A 121 -2.58 10.84 4.26
N SER A 122 -3.59 11.65 4.62
CA SER A 122 -4.97 11.22 4.49
C SER A 122 -5.79 12.40 4.01
N GLY A 123 -7.10 12.40 4.24
CA GLY A 123 -7.88 13.56 3.81
C GLY A 123 -9.30 13.40 4.27
N VAL A 124 -10.10 14.43 4.00
CA VAL A 124 -11.56 14.39 4.14
C VAL A 124 -12.17 14.68 2.75
N THR A 125 -13.25 13.98 2.46
CA THR A 125 -13.84 14.13 1.11
C THR A 125 -15.33 14.34 1.26
N LEU A 126 -15.84 15.43 0.68
CA LEU A 126 -17.28 15.67 0.53
C LEU A 126 -17.78 15.07 -0.79
N HIS A 127 -18.77 14.20 -0.72
CA HIS A 127 -19.23 13.55 -1.92
C HIS A 127 -20.76 13.39 -1.91
N ARG A 128 -21.35 13.22 -3.08
CA ARG A 128 -22.76 12.79 -3.17
CA ARG A 128 -22.76 12.81 -3.16
C ARG A 128 -22.90 11.39 -2.64
N ILE A 129 -24.00 11.10 -1.94
CA ILE A 129 -24.29 9.73 -1.56
C ILE A 129 -24.91 9.01 -2.74
N ASP A 130 -24.35 7.89 -3.16
CA ASP A 130 -25.04 6.97 -4.07
C ASP A 130 -25.27 5.66 -3.34
N ASN A 131 -25.74 4.58 -3.99
CA ASN A 131 -26.11 3.39 -3.25
C ASN A 131 -24.95 2.56 -2.72
N GLY A 132 -23.73 2.84 -3.19
CA GLY A 132 -22.54 2.11 -2.67
C GLY A 132 -21.92 2.79 -1.48
N ILE A 133 -20.91 2.12 -0.91
CA ILE A 133 -20.24 2.60 0.30
C ILE A 133 -19.12 3.57 -0.07
N ASP A 134 -19.35 4.84 0.16
CA ASP A 134 -18.41 5.91 -0.13
C ASP A 134 -17.96 6.01 -1.57
N THR A 135 -18.90 5.68 -2.48
CA THR A 135 -18.62 5.53 -3.92
C THR A 135 -19.07 6.74 -4.74
N GLY A 136 -19.88 7.63 -4.16
CA GLY A 136 -20.48 8.70 -4.98
C GLY A 136 -19.52 9.77 -5.43
N ASN A 137 -19.96 10.62 -6.35
CA ASN A 137 -19.07 11.58 -6.99
C ASN A 137 -18.56 12.59 -5.97
N ILE A 138 -17.28 12.91 -6.14
CA ILE A 138 -16.59 13.83 -5.24
C ILE A 138 -16.89 15.28 -5.55
N ILE A 139 -17.23 16.05 -4.52
CA ILE A 139 -17.51 17.48 -4.62
C ILE A 139 -16.28 18.29 -4.21
N ASP A 140 -15.61 17.90 -3.12
CA ASP A 140 -14.44 18.62 -2.66
C ASP A 140 -13.60 17.65 -1.81
N GLN A 141 -12.32 17.94 -1.70
CA GLN A 141 -11.39 17.13 -0.90
C GLN A 141 -10.33 18.02 -0.28
N HIS A 142 -9.92 17.69 0.94
CA HIS A 142 -8.79 18.34 1.59
C HIS A 142 -7.88 17.26 2.16
N CYS A 143 -6.67 17.18 1.59
CA CYS A 143 -5.65 16.25 2.09
C CYS A 143 -4.74 16.89 3.12
N PHE A 144 -4.18 16.06 4.01
CA PHE A 144 -3.32 16.60 5.06
C PHE A 144 -2.38 15.47 5.52
N PRO A 145 -1.30 15.84 6.23
CA PRO A 145 -0.31 14.82 6.61
C PRO A 145 -0.77 13.93 7.75
N ILE A 146 -0.32 12.67 7.71
CA ILE A 146 -0.27 11.83 8.90
C ILE A 146 1.17 11.94 9.38
N ASP A 147 1.38 12.66 10.47
CA ASP A 147 2.76 12.84 10.96
C ASP A 147 3.27 11.49 11.43
N ILE A 148 4.59 11.35 11.40
CA ILE A 148 5.21 10.05 11.60
C ILE A 148 4.85 9.36 12.92
N ASN A 149 4.63 10.12 13.99
CA ASN A 149 4.23 9.52 15.26
C ASN A 149 2.77 9.70 15.63
N ASP A 150 1.97 10.14 14.67
CA ASP A 150 0.53 10.24 14.95
C ASP A 150 -0.08 8.87 15.20
N THR A 151 -1.02 8.81 16.14
CA THR A 151 -1.80 7.61 16.38
C THR A 151 -3.14 7.68 15.60
N ALA A 152 -3.87 6.58 15.61
CA ALA A 152 -5.21 6.60 15.05
C ALA A 152 -6.03 7.70 15.70
N ARG A 153 -5.92 7.91 17.02
CA ARG A 153 -6.70 8.96 17.67
C ARG A 153 -6.31 10.33 17.15
N ASP A 154 -5.01 10.61 17.03
CA ASP A 154 -4.59 11.88 16.45
C ASP A 154 -5.15 12.10 15.05
N LEU A 155 -5.10 11.04 14.24
CA LEU A 155 -5.70 11.14 12.91
C LEU A 155 -7.18 11.46 12.95
N TYR A 156 -7.91 10.75 13.81
CA TYR A 156 -9.34 11.00 13.95
C TYR A 156 -9.63 12.45 14.32
N PHE A 157 -8.92 13.01 15.29
CA PHE A 157 -9.15 14.41 15.64
C PHE A 157 -8.86 15.36 14.48
N ASN A 158 -7.88 15.03 13.64
CA ASN A 158 -7.67 15.80 12.42
C ASN A 158 -8.84 15.64 11.44
N TYR A 159 -9.38 14.44 11.27
CA TYR A 159 -10.57 14.33 10.39
C TYR A 159 -11.66 15.23 10.92
N LEU A 160 -11.91 15.26 12.24
CA LEU A 160 -13.03 16.04 12.76
C LEU A 160 -12.79 17.50 12.42
N LYS A 161 -11.57 18.00 12.58
CA LYS A 161 -11.27 19.40 12.36
C LYS A 161 -11.36 19.75 10.86
N TYR A 162 -10.72 18.97 10.01
CA TYR A 162 -10.73 19.27 8.59
C TYR A 162 -12.10 18.97 7.98
N GLY A 163 -12.83 18.00 8.53
CA GLY A 163 -14.18 17.72 8.06
C GLY A 163 -15.15 18.84 8.39
N GLU A 164 -15.03 19.40 9.57
CA GLU A 164 -15.87 20.56 9.89
C GLU A 164 -15.54 21.71 8.94
N SER A 165 -14.27 21.94 8.65
CA SER A 165 -13.89 23.00 7.73
CA SER A 165 -13.89 23.02 7.74
C SER A 165 -14.42 22.80 6.32
N ILE A 166 -14.36 21.58 5.80
CA ILE A 166 -14.80 21.35 4.41
C ILE A 166 -16.33 21.47 4.35
N PHE A 167 -17.03 21.15 5.44
CA PHE A 167 -18.46 21.39 5.48
C PHE A 167 -18.72 22.91 5.34
N LYS A 168 -18.07 23.72 6.16
CA LYS A 168 -18.27 25.17 6.10
C LYS A 168 -17.87 25.76 4.76
N LYS A 169 -16.87 25.21 4.11
CA LYS A 169 -16.39 25.72 2.83
C LYS A 169 -17.44 25.51 1.72
N ASN A 170 -18.21 24.44 1.79
CA ASN A 170 -19.03 23.97 0.69
C ASN A 170 -20.52 24.17 0.92
N ILE A 171 -20.96 24.49 2.13
CA ILE A 171 -22.39 24.46 2.41
C ILE A 171 -23.18 25.46 1.58
N GLN A 172 -22.61 26.63 1.31
CA GLN A 172 -23.39 27.59 0.53
C GLN A 172 -23.73 27.06 -0.87
N THR A 173 -22.76 26.44 -1.54
CA THR A 173 -23.00 25.86 -2.86
C THR A 173 -23.90 24.65 -2.87
N ILE A 174 -23.96 23.95 -1.73
CA ILE A 174 -24.92 22.88 -1.62
CA ILE A 174 -24.92 22.87 -1.55
C ILE A 174 -26.33 23.47 -1.44
N ILE A 175 -26.46 24.49 -0.60
CA ILE A 175 -27.75 25.14 -0.40
C ILE A 175 -28.26 25.77 -1.70
N ASN A 176 -27.37 26.35 -2.50
CA ASN A 176 -27.73 27.00 -3.77
CA ASN A 176 -27.92 26.97 -3.71
C ASN A 176 -27.84 26.02 -4.91
N ASN A 177 -27.52 24.76 -4.63
CA ASN A 177 -27.40 23.73 -5.65
C ASN A 177 -26.53 24.08 -6.86
N SER A 178 -25.43 24.77 -6.61
CA SER A 178 -24.50 25.14 -7.67
C SER A 178 -23.19 24.37 -7.65
N TYR A 179 -23.10 23.41 -6.73
CA TYR A 179 -21.87 22.67 -6.59
C TYR A 179 -21.52 21.85 -7.84
N LYS A 180 -20.23 21.53 -7.96
CA LYS A 180 -19.69 20.71 -9.06
C LYS A 180 -19.16 19.41 -8.48
N ASP A 181 -19.29 18.31 -9.22
CA ASP A 181 -18.72 17.04 -8.78
C ASP A 181 -18.09 16.26 -9.93
N LEU A 182 -17.32 15.23 -9.59
CA LEU A 182 -16.57 14.42 -10.55
CA LEU A 182 -16.64 14.42 -10.58
C LEU A 182 -16.68 12.96 -10.14
N LYS A 183 -16.92 12.03 -11.05
CA LYS A 183 -16.92 10.60 -10.76
CA LYS A 183 -16.97 10.63 -10.66
C LYS A 183 -15.61 10.18 -10.11
N GLN A 184 -15.67 9.27 -9.15
CA GLN A 184 -14.41 8.68 -8.66
C GLN A 184 -13.80 7.76 -9.71
N THR A 185 -12.48 7.71 -9.68
CA THR A 185 -11.71 6.77 -10.52
C THR A 185 -11.83 5.33 -10.06
N ASN A 186 -11.60 4.40 -10.98
CA ASN A 186 -11.40 3.02 -10.60
C ASN A 186 -10.03 2.73 -9.96
N ILE A 187 -8.97 3.35 -10.50
CA ILE A 187 -7.64 3.09 -9.94
C ILE A 187 -7.57 3.81 -8.60
N ASN A 188 -6.71 3.24 -7.76
CA ASN A 188 -6.50 3.72 -6.39
C ASN A 188 -7.63 3.42 -5.45
N SER A 189 -8.78 2.93 -5.92
CA SER A 189 -9.90 2.72 -5.03
C SER A 189 -9.64 1.54 -4.11
N SER A 190 -9.81 1.76 -2.80
CA SER A 190 -9.63 0.66 -1.86
C SER A 190 -10.70 0.72 -0.78
N TYR A 191 -10.90 -0.40 -0.10
CA TYR A 191 -12.06 -0.59 0.78
C TYR A 191 -11.70 -1.57 1.89
N PHE A 192 -12.10 -1.23 3.10
CA PHE A 192 -12.00 -2.14 4.24
C PHE A 192 -13.30 -2.20 4.99
N SER A 193 -13.70 -3.44 5.30
CA SER A 193 -14.87 -3.68 6.13
C SER A 193 -14.49 -4.04 7.57
N ARG A 194 -15.47 -4.08 8.46
CA ARG A 194 -15.17 -4.41 9.84
C ARG A 194 -14.53 -5.77 9.98
N LYS A 195 -14.92 -6.75 9.19
CA LYS A 195 -14.30 -8.09 9.20
C LYS A 195 -12.84 -8.08 8.80
N ASP A 196 -12.39 -7.09 8.02
CA ASP A 196 -11.02 -7.02 7.57
C ASP A 196 -10.04 -6.63 8.67
N ILE A 197 -10.56 -5.98 9.69
CA ILE A 197 -9.66 -5.40 10.71
C ILE A 197 -9.88 -6.17 12.02
N ASN A 198 -8.81 -6.76 12.56
CA ASN A 198 -8.95 -7.34 13.91
C ASN A 198 -8.42 -6.30 14.90
N LEU A 199 -9.30 -5.75 15.73
CA LEU A 199 -8.93 -4.67 16.64
C LEU A 199 -7.98 -5.09 17.75
N VAL A 200 -7.81 -6.41 17.91
CA VAL A 200 -6.80 -6.92 18.83
C VAL A 200 -5.71 -7.42 17.92
N HIS A 201 -4.83 -6.48 17.58
CA HIS A 201 -3.84 -6.74 16.55
C HIS A 201 -2.65 -7.52 17.10
N LYS A 202 -2.27 -8.57 16.37
CA LYS A 202 -1.02 -9.30 16.64
C LYS A 202 0.05 -8.72 15.71
N ILE A 203 1.11 -8.18 16.33
CA ILE A 203 2.12 -7.50 15.53
C ILE A 203 2.98 -8.56 14.85
N ASN A 204 3.27 -8.36 13.56
CA ASN A 204 4.26 -9.11 12.80
C ASN A 204 5.57 -8.32 12.91
N PHE A 205 6.54 -8.90 13.62
CA PHE A 205 7.83 -8.24 13.84
C PHE A 205 8.83 -8.52 12.73
N LYS A 206 8.52 -9.45 11.81
CA LYS A 206 9.39 -9.70 10.64
C LYS A 206 9.00 -8.76 9.50
N LYS A 207 9.17 -7.50 9.82
CA LYS A 207 8.71 -6.37 9.03
C LYS A 207 9.68 -5.21 9.24
N THR A 208 9.60 -4.12 8.49
CA THR A 208 10.49 -2.99 8.72
C THR A 208 10.08 -2.26 10.00
N SER A 209 11.00 -1.41 10.48
CA SER A 209 10.65 -0.63 11.66
C SER A 209 9.41 0.25 11.36
N PHE A 210 9.36 0.88 10.17
CA PHE A 210 8.19 1.72 9.81
C PHE A 210 6.93 0.85 9.83
N GLU A 211 6.95 -0.38 9.35
CA GLU A 211 5.78 -1.26 9.42
C GLU A 211 5.40 -1.67 10.84
N ILE A 212 6.39 -1.96 11.70
CA ILE A 212 6.05 -2.34 13.07
C ILE A 212 5.45 -1.14 13.83
N HIS A 213 6.08 0.02 13.65
CA HIS A 213 5.58 1.27 14.22
C HIS A 213 4.14 1.52 13.75
N ASN A 214 3.88 1.31 12.46
CA ASN A 214 2.53 1.58 11.94
C ASN A 214 1.53 0.59 12.48
N GLN A 215 1.91 -0.66 12.66
CA GLN A 215 1.08 -1.68 13.27
C GLN A 215 0.71 -1.28 14.70
N ILE A 216 1.65 -0.67 15.42
CA ILE A 216 1.32 -0.27 16.79
C ILE A 216 0.41 0.94 16.77
N ARG A 217 0.85 2.03 16.14
CA ARG A 217 0.14 3.30 16.33
C ARG A 217 -1.23 3.33 15.64
N ALA A 218 -1.44 2.47 14.64
CA ALA A 218 -2.74 2.39 13.96
C ALA A 218 -3.83 1.96 14.93
N PHE A 219 -3.49 1.32 16.05
CA PHE A 219 -4.47 0.83 17.00
C PHE A 219 -4.51 1.62 18.29
N ILE A 220 -3.74 2.70 18.36
CA ILE A 220 -3.74 3.49 19.59
C ILE A 220 -4.94 4.46 19.48
N PHE A 221 -5.98 4.14 20.24
CA PHE A 221 -7.13 5.06 20.30
C PHE A 221 -7.84 4.72 21.61
N GLN A 222 -7.32 5.33 22.68
CA GLN A 222 -7.54 4.78 24.04
C GLN A 222 -9.01 4.63 24.43
N GLU A 223 -9.89 5.51 23.95
CA GLU A 223 -11.32 5.38 24.28
C GLU A 223 -11.90 4.06 23.79
N TYR A 224 -11.27 3.43 22.80
CA TYR A 224 -11.64 2.11 22.30
C TYR A 224 -10.70 0.98 22.74
N GLN A 225 -9.42 1.10 22.38
CA GLN A 225 -8.44 0.07 22.75
C GLN A 225 -7.05 0.67 22.63
N LEU A 226 -6.10 -0.09 23.21
CA LEU A 226 -4.67 0.10 22.95
C LEU A 226 -4.01 -1.21 22.58
N PRO A 227 -3.02 -1.18 21.69
CA PRO A 227 -2.32 -2.40 21.32
C PRO A 227 -1.48 -2.87 22.53
N ILE A 228 -1.24 -4.19 22.57
CA ILE A 228 -0.68 -4.85 23.74
C ILE A 228 0.53 -5.60 23.24
N ILE A 229 1.64 -5.41 23.96
CA ILE A 229 2.89 -6.13 23.70
C ILE A 229 3.24 -6.80 25.04
N ASN A 230 3.38 -8.12 25.04
CA ASN A 230 3.67 -8.86 26.27
C ASN A 230 2.72 -8.46 27.41
N ASN A 231 1.42 -8.43 27.17
CA ASN A 231 0.51 -7.95 28.22
C ASN A 231 0.70 -6.54 28.82
N SER A 232 1.44 -5.65 28.15
CA SER A 232 1.40 -4.22 28.46
C SER A 232 0.71 -3.44 27.32
N LYS A 233 -0.20 -2.54 27.69
CA LYS A 233 -0.79 -1.62 26.71
C LYS A 233 0.22 -0.53 26.33
N ILE A 234 0.23 -0.17 25.05
CA ILE A 234 1.12 0.85 24.51
C ILE A 234 0.32 2.13 24.25
N ILE A 235 0.80 3.26 24.73
CA ILE A 235 0.10 4.54 24.55
C ILE A 235 0.74 5.39 23.46
N LYS A 236 1.97 5.12 23.07
CA LYS A 236 2.63 5.96 22.08
C LYS A 236 3.75 5.18 21.46
N SER A 237 3.94 5.28 20.14
CA SER A 237 5.14 4.74 19.48
C SER A 237 5.90 5.88 18.84
N ILE A 238 7.23 5.81 18.94
CA ILE A 238 8.08 6.85 18.42
C ILE A 238 9.09 6.21 17.49
N LEU A 239 9.11 6.60 16.22
CA LEU A 239 10.04 6.04 15.24
C LEU A 239 11.12 7.05 14.91
N ALA A 240 12.37 6.61 15.08
CA ALA A 240 13.51 7.48 14.76
C ALA A 240 14.28 6.94 13.58
N ASN A 241 15.14 7.79 13.05
CA ASN A 241 16.01 7.33 11.97
C ASN A 241 17.36 6.78 12.43
N GLU A 242 17.50 6.57 13.72
CA GLU A 242 18.73 5.99 14.25
C GLU A 242 18.76 4.49 14.00
N PHE A 243 19.87 4.03 13.43
CA PHE A 243 20.09 2.61 13.21
C PHE A 243 20.64 2.00 14.49
N ILE A 244 20.00 0.95 14.99
CA ILE A 244 20.42 0.28 16.23
C ILE A 244 20.68 -1.22 16.07
N GLY A 245 20.79 -1.67 14.81
CA GLY A 245 20.91 -3.09 14.55
C GLY A 245 19.58 -3.69 14.14
N TYR A 246 19.63 -4.80 13.43
CA TYR A 246 18.43 -5.48 12.93
C TYR A 246 17.69 -6.24 14.01
N ASN A 247 16.35 -6.21 13.99
CA ASN A 247 15.54 -7.14 14.75
C ASN A 247 15.82 -7.09 16.26
N VAL A 248 15.86 -5.86 16.78
CA VAL A 248 16.00 -5.67 18.22
C VAL A 248 14.64 -5.78 18.89
N PHE A 249 14.57 -6.42 20.05
CA PHE A 249 13.37 -6.34 20.88
C PHE A 249 13.83 -6.47 22.33
N GLU A 250 13.63 -5.39 23.07
CA GLU A 250 13.94 -5.44 24.50
CA GLU A 250 13.99 -5.38 24.50
C GLU A 250 12.89 -4.73 25.32
N GLU A 251 12.43 -5.38 26.38
CA GLU A 251 11.41 -4.85 27.28
C GLU A 251 12.04 -4.20 28.52
N PHE A 252 11.61 -2.99 28.85
CA PHE A 252 12.00 -2.31 30.10
C PHE A 252 10.71 -2.00 30.87
N GLU A 253 10.83 -1.51 32.10
CA GLU A 253 9.67 -1.26 32.91
C GLU A 253 8.68 -0.31 32.23
N ASN A 254 9.19 0.72 31.56
CA ASN A 254 8.28 1.77 31.05
C ASN A 254 8.11 1.78 29.53
N TYR A 255 8.85 0.94 28.82
CA TYR A 255 8.85 1.03 27.33
C TYR A 255 9.48 -0.23 26.76
N PHE A 256 9.31 -0.44 25.45
CA PHE A 256 10.08 -1.40 24.68
C PHE A 256 10.95 -0.66 23.69
N ILE A 257 12.13 -1.21 23.41
CA ILE A 257 12.97 -0.75 22.33
C ILE A 257 12.91 -1.84 21.28
N ILE A 258 12.52 -1.46 20.05
CA ILE A 258 12.23 -2.43 18.98
C ILE A 258 12.87 -1.90 17.70
N SER A 259 13.42 -2.79 16.87
CA SER A 259 13.70 -2.50 15.47
C SER A 259 13.31 -3.68 14.62
N GLY A 260 12.93 -3.36 13.38
CA GLY A 260 12.62 -4.42 12.41
C GLY A 260 13.78 -4.80 11.53
N ILE A 261 13.46 -5.28 10.33
CA ILE A 261 14.49 -5.87 9.47
C ILE A 261 15.42 -4.85 8.89
N ASP A 262 15.08 -3.56 9.01
CA ASP A 262 15.94 -2.50 8.55
C ASP A 262 16.63 -1.72 9.71
N GLY A 263 16.30 -2.11 10.93
CA GLY A 263 17.19 -1.67 12.05
C GLY A 263 16.94 -0.30 12.63
N PHE A 264 15.86 0.41 12.30
CA PHE A 264 15.63 1.72 12.87
C PHE A 264 14.90 1.64 14.22
N LYS A 265 15.36 2.52 15.12
CA LYS A 265 14.86 2.51 16.50
C LYS A 265 13.39 2.97 16.66
N ILE A 266 12.65 2.10 17.32
CA ILE A 266 11.28 2.39 17.81
C ILE A 266 11.31 2.37 19.34
N ILE A 267 10.66 3.36 19.96
CA ILE A 267 10.37 3.31 21.38
C ILE A 267 8.85 3.15 21.50
N ALA A 268 8.40 2.04 22.06
CA ALA A 268 6.98 1.80 22.33
C ALA A 268 6.74 2.08 23.81
N GLN A 269 6.07 3.19 24.12
CA GLN A 269 5.90 3.61 25.52
C GLN A 269 4.70 2.92 26.15
N LYS A 270 4.90 2.27 27.28
CA LYS A 270 3.80 1.64 27.99
C LYS A 270 2.87 2.66 28.64
N LEU A 271 1.56 2.37 28.61
CA LEU A 271 0.60 3.18 29.35
C LEU A 271 0.97 3.20 30.84
N ASN A 272 0.98 4.39 31.43
CA ASN A 272 1.43 4.47 32.82
C ASN A 272 0.48 3.79 33.79
N LYS A 273 -0.82 4.06 33.61
CA LYS A 273 -1.82 3.11 34.08
C LYS A 273 -1.23 1.72 33.91
N GLY B 1 45.81 -7.69 -6.47
CA GLY B 1 46.45 -7.97 -7.79
C GLY B 1 46.02 -9.30 -8.37
N HIS B 2 44.92 -9.85 -7.85
CA HIS B 2 44.43 -11.18 -8.23
C HIS B 2 44.03 -11.18 -9.70
N MET B 3 44.11 -12.36 -10.32
CA MET B 3 43.61 -12.59 -11.68
C MET B 3 42.12 -12.17 -11.76
N ILE B 4 41.34 -12.60 -10.76
CA ILE B 4 39.89 -12.40 -10.82
C ILE B 4 39.53 -10.96 -10.38
N LYS B 5 38.77 -10.25 -11.22
CA LYS B 5 38.35 -8.88 -10.94
C LYS B 5 36.87 -8.75 -10.53
N ILE B 6 36.05 -9.70 -10.97
CA ILE B 6 34.59 -9.55 -10.81
C ILE B 6 33.92 -10.91 -10.74
N CYS B 7 32.86 -10.95 -9.94
CA CYS B 7 32.00 -12.10 -9.81
C CYS B 7 30.56 -11.71 -10.08
N ILE B 8 29.91 -12.46 -10.99
CA ILE B 8 28.47 -12.27 -11.21
C ILE B 8 27.82 -13.47 -10.55
N ALA B 9 26.92 -13.19 -9.59
CA ALA B 9 26.21 -14.22 -8.87
C ALA B 9 24.73 -14.04 -9.12
N GLY B 10 24.03 -15.12 -9.41
CA GLY B 10 22.59 -14.99 -9.65
C GLY B 10 22.05 -15.83 -10.80
N LYS B 11 21.01 -15.30 -11.44
CA LYS B 11 20.29 -16.07 -12.46
C LYS B 11 19.59 -15.17 -13.46
N ASN B 12 19.14 -15.87 -14.51
CA ASN B 12 18.12 -15.37 -15.46
C ASN B 12 18.70 -14.30 -16.37
N ASN B 13 17.84 -13.68 -17.18
CA ASN B 13 18.35 -12.88 -18.29
C ASN B 13 19.20 -11.72 -17.78
N ILE B 14 18.84 -11.16 -16.62
CA ILE B 14 19.60 -10.03 -16.11
C ILE B 14 21.06 -10.42 -15.79
N ALA B 15 21.25 -11.58 -15.18
CA ALA B 15 22.63 -12.01 -14.87
C ALA B 15 23.38 -12.36 -16.16
N VAL B 16 22.75 -13.09 -17.08
CA VAL B 16 23.42 -13.53 -18.31
C VAL B 16 23.76 -12.30 -19.16
N ASN B 17 22.84 -11.36 -19.33
CA ASN B 17 23.08 -10.23 -20.23
C ASN B 17 24.08 -9.26 -19.61
N SER B 18 24.08 -9.12 -18.29
CA SER B 18 25.09 -8.30 -17.63
C SER B 18 26.48 -8.93 -17.70
N LEU B 19 26.56 -10.23 -17.50
CA LEU B 19 27.81 -10.98 -17.72
C LEU B 19 28.31 -10.80 -19.15
N GLN B 20 27.43 -10.98 -20.13
CA GLN B 20 27.84 -10.83 -21.53
C GLN B 20 28.37 -9.43 -21.77
N PHE B 21 27.71 -8.41 -21.21
CA PHE B 21 28.12 -7.03 -21.35
C PHE B 21 29.53 -6.79 -20.82
N ILE B 22 29.85 -7.30 -19.64
CA ILE B 22 31.19 -7.09 -19.09
CA ILE B 22 31.18 -7.07 -19.14
C ILE B 22 32.25 -7.89 -19.88
N LEU B 23 31.89 -9.08 -20.35
CA LEU B 23 32.82 -9.89 -21.15
C LEU B 23 33.14 -9.16 -22.45
N LYS B 24 32.14 -8.54 -23.04
CA LYS B 24 32.34 -7.85 -24.31
C LYS B 24 33.14 -6.57 -24.09
N ASN B 25 32.93 -5.86 -22.99
CA ASN B 25 33.37 -4.46 -22.88
C ASN B 25 34.45 -4.18 -21.83
N TYR B 26 34.59 -5.00 -20.79
CA TYR B 26 35.43 -4.61 -19.69
C TYR B 26 36.47 -5.63 -19.26
N PHE B 27 36.17 -6.93 -19.26
CA PHE B 27 37.08 -7.90 -18.67
C PHE B 27 37.19 -9.09 -19.62
N GLU B 28 38.31 -9.81 -19.56
CA GLU B 28 38.43 -11.06 -20.28
CA GLU B 28 38.48 -11.07 -20.26
C GLU B 28 37.86 -12.23 -19.48
N ALA B 29 37.57 -13.34 -20.15
CA ALA B 29 36.95 -14.49 -19.50
C ALA B 29 37.72 -14.92 -18.25
N ASP B 30 39.05 -14.89 -18.33
CA ASP B 30 39.87 -15.34 -17.20
C ASP B 30 39.94 -14.37 -16.00
N GLN B 31 39.23 -13.25 -16.09
CA GLN B 31 39.13 -12.26 -15.02
C GLN B 31 37.77 -12.29 -14.33
N ILE B 32 36.88 -13.17 -14.79
CA ILE B 32 35.49 -13.21 -14.31
C ILE B 32 35.24 -14.57 -13.70
N VAL B 33 34.46 -14.62 -12.62
CA VAL B 33 33.89 -15.86 -12.11
C VAL B 33 32.38 -15.70 -11.93
N VAL B 34 31.69 -16.83 -11.84
CA VAL B 34 30.24 -16.87 -11.72
CA VAL B 34 30.24 -16.78 -11.62
C VAL B 34 29.81 -17.74 -10.54
N ILE B 35 28.77 -17.32 -9.81
CA ILE B 35 28.10 -18.21 -8.84
C ILE B 35 26.64 -18.29 -9.29
N PRO B 36 26.29 -19.36 -10.03
CA PRO B 36 24.86 -19.54 -10.34
C PRO B 36 24.04 -19.88 -9.10
N ASN B 37 22.75 -19.58 -9.15
CA ASN B 37 21.89 -20.05 -8.08
C ASN B 37 21.84 -21.58 -8.04
N LYS B 38 21.53 -22.12 -6.86
CA LYS B 38 21.54 -23.57 -6.63
C LYS B 38 20.66 -24.33 -7.61
N ASN B 39 19.52 -23.76 -7.96
CA ASN B 39 18.59 -24.45 -8.84
C ASN B 39 18.93 -24.39 -10.34
N ASP B 40 19.98 -23.70 -10.74
CA ASP B 40 20.32 -23.57 -12.16
C ASP B 40 20.78 -24.90 -12.71
N LYS B 41 20.00 -25.42 -13.65
CA LYS B 41 20.20 -26.73 -14.27
C LYS B 41 21.04 -26.60 -15.55
N GLY B 42 21.47 -25.40 -15.92
CA GLY B 42 22.23 -25.23 -17.13
C GLY B 42 21.43 -25.30 -18.43
N ILE B 43 20.12 -25.06 -18.34
CA ILE B 43 19.18 -25.18 -19.48
CA ILE B 43 19.28 -25.16 -19.52
C ILE B 43 18.62 -23.81 -19.83
N ASP B 44 18.81 -23.35 -21.06
CA ASP B 44 18.09 -22.15 -21.52
C ASP B 44 16.61 -22.49 -21.66
N SER B 45 15.75 -21.78 -20.96
CA SER B 45 14.31 -22.10 -20.96
CA SER B 45 14.31 -22.10 -20.90
C SER B 45 13.54 -20.80 -21.13
N TRP B 46 12.55 -20.50 -20.28
CA TRP B 46 11.89 -19.21 -20.41
C TRP B 46 12.80 -18.02 -20.00
N GLN B 47 13.91 -18.32 -19.29
CA GLN B 47 15.02 -17.40 -19.07
C GLN B 47 16.29 -18.12 -19.54
N LYS B 48 17.27 -17.30 -19.87
CA LYS B 48 18.62 -17.83 -20.13
C LYS B 48 19.28 -18.29 -18.83
N SER B 49 20.12 -19.30 -18.98
CA SER B 49 20.83 -19.90 -17.83
C SER B 49 22.22 -19.30 -17.66
N LEU B 50 22.51 -18.81 -16.46
CA LEU B 50 23.85 -18.32 -16.13
C LEU B 50 24.93 -19.39 -16.16
N LEU B 51 24.61 -20.56 -15.60
CA LEU B 51 25.53 -21.69 -15.67
C LEU B 51 25.85 -22.03 -17.13
N LYS B 52 24.82 -22.11 -17.99
CA LYS B 52 25.07 -22.43 -19.40
C LYS B 52 25.96 -21.37 -20.05
N PHE B 53 25.68 -20.09 -19.86
CA PHE B 53 26.51 -19.07 -20.44
C PHE B 53 27.96 -19.22 -19.96
N ALA B 54 28.18 -19.44 -18.67
CA ALA B 54 29.55 -19.58 -18.17
C ALA B 54 30.25 -20.75 -18.83
N LEU B 55 29.57 -21.88 -18.91
CA LEU B 55 30.19 -23.06 -19.52
C LEU B 55 30.49 -22.81 -21.01
N ASP B 56 29.56 -22.17 -21.73
CA ASP B 56 29.70 -21.94 -23.17
C ASP B 56 30.80 -20.90 -23.44
N ASN B 57 31.21 -20.09 -22.46
CA ASN B 57 32.16 -19.00 -22.70
C ASN B 57 33.40 -19.13 -21.82
N ASN B 58 33.60 -20.30 -21.24
CA ASN B 58 34.83 -20.58 -20.50
CA ASN B 58 34.80 -20.62 -20.47
C ASN B 58 35.04 -19.64 -19.30
N ILE B 59 33.96 -19.40 -18.56
CA ILE B 59 33.96 -18.55 -17.35
CA ILE B 59 34.05 -18.58 -17.35
C ILE B 59 33.90 -19.50 -16.16
N LYS B 60 34.86 -19.42 -15.23
CA LYS B 60 34.92 -20.34 -14.10
C LYS B 60 33.73 -20.17 -13.15
N ILE B 61 33.21 -21.31 -12.73
CA ILE B 61 32.16 -21.43 -11.72
C ILE B 61 32.78 -21.60 -10.35
N VAL B 62 32.40 -20.75 -9.40
CA VAL B 62 33.02 -20.78 -8.08
C VAL B 62 31.94 -20.77 -7.00
N THR B 63 32.39 -20.89 -5.75
CA THR B 63 31.54 -20.74 -4.56
C THR B 63 31.90 -19.44 -3.85
N LEU B 64 31.02 -19.00 -2.95
CA LEU B 64 31.35 -17.81 -2.12
C LEU B 64 32.67 -18.01 -1.36
N ASP B 65 32.88 -19.22 -0.82
CA ASP B 65 34.09 -19.40 -0.03
CA ASP B 65 34.11 -19.51 -0.06
C ASP B 65 35.37 -19.20 -0.83
N GLU B 66 35.34 -19.40 -2.14
CA GLU B 66 36.48 -19.18 -3.03
C GLU B 66 36.79 -17.74 -3.31
N ILE B 67 35.81 -16.86 -3.11
CA ILE B 67 36.05 -15.48 -3.46
C ILE B 67 36.19 -14.54 -2.26
N TYR B 68 35.86 -15.03 -1.08
CA TYR B 68 35.91 -14.13 0.10
C TYR B 68 37.22 -13.40 0.26
N ASN B 69 38.33 -14.11 0.06
CA ASN B 69 39.62 -13.51 0.37
C ASN B 69 40.24 -12.76 -0.82
N ILE B 70 39.48 -12.56 -1.91
CA ILE B 70 40.06 -11.95 -3.10
C ILE B 70 39.99 -10.44 -2.94
N GLU B 71 41.15 -9.83 -2.77
CA GLU B 71 41.22 -8.40 -2.56
C GLU B 71 40.62 -7.68 -3.75
N GLN B 72 39.81 -6.67 -3.44
CA GLN B 72 39.30 -5.75 -4.45
C GLN B 72 38.31 -6.32 -5.48
N ILE B 73 37.86 -7.54 -5.28
CA ILE B 73 36.91 -8.14 -6.23
C ILE B 73 35.61 -7.30 -6.21
N ILE B 74 35.02 -7.15 -7.40
CA ILE B 74 33.68 -6.58 -7.51
C ILE B 74 32.71 -7.75 -7.44
N PHE B 75 31.80 -7.71 -6.47
CA PHE B 75 30.80 -8.78 -6.35
C PHE B 75 29.45 -8.19 -6.71
N PHE B 76 28.81 -8.76 -7.73
CA PHE B 76 27.47 -8.32 -8.15
C PHE B 76 26.47 -9.45 -7.98
N SER B 77 25.44 -9.24 -7.17
CA SER B 77 24.29 -10.12 -7.09
C SER B 77 23.17 -9.61 -8.01
N LEU B 78 22.79 -10.51 -8.90
CA LEU B 78 21.74 -10.21 -9.93
C LEU B 78 20.78 -11.39 -9.83
N GLU B 79 19.83 -11.25 -8.90
CA GLU B 79 18.87 -12.28 -8.55
C GLU B 79 19.47 -13.48 -7.82
N PHE B 80 20.57 -13.21 -7.11
CA PHE B 80 21.23 -14.26 -6.33
C PHE B 80 20.42 -14.62 -5.10
N ASP B 81 20.52 -15.88 -4.71
CA ASP B 81 19.59 -16.45 -3.73
C ASP B 81 20.18 -16.62 -2.33
N GLN B 82 21.45 -16.28 -2.11
CA GLN B 82 22.05 -16.53 -0.80
C GLN B 82 22.38 -15.19 -0.13
N ILE B 83 21.95 -15.02 1.12
CA ILE B 83 22.33 -13.87 1.95
C ILE B 83 23.82 -13.96 2.28
N ILE B 84 24.52 -12.88 2.00
CA ILE B 84 25.94 -12.84 2.35
C ILE B 84 26.12 -12.05 3.63
N LYS B 85 27.25 -12.31 4.27
CA LYS B 85 27.67 -11.58 5.47
C LYS B 85 28.90 -10.79 5.03
N ILE B 86 28.84 -9.47 5.12
CA ILE B 86 29.87 -8.64 4.50
C ILE B 86 31.26 -8.82 5.16
N GLU B 87 31.30 -9.17 6.44
CA GLU B 87 32.59 -9.37 7.12
C GLU B 87 33.29 -10.61 6.61
N ASN B 88 32.63 -11.51 5.88
CA ASN B 88 33.37 -12.56 5.21
C ASN B 88 34.29 -12.04 4.12
N PHE B 89 33.91 -10.97 3.44
CA PHE B 89 34.65 -10.48 2.28
C PHE B 89 35.73 -9.51 2.71
N LYS B 90 36.92 -9.72 2.16
CA LYS B 90 37.95 -8.71 2.23
CA LYS B 90 37.97 -8.72 2.22
C LYS B 90 37.54 -7.45 1.48
N SER B 91 36.97 -7.62 0.29
CA SER B 91 36.51 -6.48 -0.51
C SER B 91 35.21 -5.83 0.04
N ASP B 92 35.10 -4.51 -0.13
CA ASP B 92 33.87 -3.79 0.22
C ASP B 92 33.08 -3.43 -1.05
N ARG B 93 33.44 -4.02 -2.18
CA ARG B 93 32.81 -3.70 -3.47
C ARG B 93 31.68 -4.69 -3.79
N LEU B 94 30.62 -4.62 -2.99
CA LEU B 94 29.55 -5.62 -2.98
C LEU B 94 28.23 -4.92 -3.34
N PHE B 95 27.61 -5.39 -4.41
CA PHE B 95 26.45 -4.69 -5.01
C PHE B 95 25.36 -5.64 -5.38
N ASN B 96 24.14 -5.10 -5.34
CA ASN B 96 22.94 -5.87 -5.71
C ASN B 96 22.03 -4.93 -6.55
N ILE B 97 21.29 -5.55 -7.48
CA ILE B 97 20.12 -4.91 -8.11
C ILE B 97 18.88 -5.57 -7.58
N HIS B 98 18.12 -4.78 -6.85
CA HIS B 98 16.86 -5.27 -6.25
C HIS B 98 15.65 -4.85 -7.10
N PHE B 99 14.79 -5.83 -7.34
CA PHE B 99 13.59 -5.59 -8.17
C PHE B 99 12.44 -4.90 -7.39
N SER B 100 12.71 -3.68 -6.91
CA SER B 100 11.62 -2.81 -6.42
C SER B 100 12.14 -1.38 -6.37
N ALA B 101 11.25 -0.43 -6.15
CA ALA B 101 11.67 0.94 -5.89
C ALA B 101 11.86 1.09 -4.38
N LEU B 102 13.09 0.76 -3.96
CA LEU B 102 13.44 0.85 -2.53
C LEU B 102 13.24 2.31 -2.09
N PRO B 103 12.84 2.54 -0.84
CA PRO B 103 12.83 1.55 0.24
C PRO B 103 11.64 0.61 0.31
N LYS B 104 10.65 0.79 -0.59
CA LYS B 104 9.48 -0.11 -0.59
C LYS B 104 9.82 -1.52 -1.08
N TYR B 105 9.11 -2.51 -0.58
CA TYR B 105 9.15 -3.88 -1.09
C TYR B 105 10.55 -4.49 -1.08
N LYS B 106 11.21 -4.33 0.06
CA LYS B 106 12.31 -5.25 0.43
C LYS B 106 11.76 -6.66 0.52
N GLY B 107 12.69 -7.61 0.44
CA GLY B 107 12.29 -9.01 0.58
C GLY B 107 11.98 -9.68 -0.75
N VAL B 108 10.99 -10.56 -0.75
CA VAL B 108 10.84 -11.50 -1.85
C VAL B 108 9.51 -11.28 -2.60
N PHE B 109 9.37 -12.05 -3.68
CA PHE B 109 8.15 -12.03 -4.49
C PHE B 109 7.80 -10.61 -4.89
N THR B 110 8.76 -9.83 -5.38
CA THR B 110 8.52 -8.42 -5.65
C THR B 110 7.79 -8.14 -6.97
N SER B 111 7.49 -9.20 -7.72
CA SER B 111 6.57 -9.05 -8.89
C SER B 111 5.15 -9.23 -8.42
N ILE B 112 4.92 -9.72 -7.21
CA ILE B 112 3.61 -9.92 -6.62
C ILE B 112 3.27 -8.79 -5.67
N THR B 113 4.16 -8.48 -4.73
CA THR B 113 3.79 -7.60 -3.61
C THR B 113 3.40 -6.17 -4.03
N PRO B 114 4.05 -5.49 -5.02
CA PRO B 114 3.60 -4.13 -5.34
C PRO B 114 2.21 -4.14 -5.97
N ILE B 115 1.91 -5.18 -6.76
CA ILE B 115 0.59 -5.21 -7.39
C ILE B 115 -0.47 -5.50 -6.33
N LEU B 116 -0.21 -6.46 -5.44
CA LEU B 116 -1.14 -6.84 -4.40
C LEU B 116 -1.33 -5.67 -3.46
N ASN B 117 -0.36 -4.77 -3.31
CA ASN B 117 -0.50 -3.60 -2.46
C ASN B 117 -0.86 -2.33 -3.22
N ASN B 118 -1.45 -2.54 -4.40
CA ASN B 118 -2.20 -1.46 -5.09
C ASN B 118 -1.33 -0.39 -5.72
N GLU B 119 -0.05 -0.68 -5.95
CA GLU B 119 0.83 0.29 -6.57
C GLU B 119 0.54 0.49 -8.06
N LEU B 120 0.83 1.72 -8.51
CA LEU B 120 0.80 2.08 -9.92
C LEU B 120 2.17 2.10 -10.57
N GLU B 121 3.24 1.97 -9.78
CA GLU B 121 4.61 2.02 -10.30
C GLU B 121 5.48 1.10 -9.44
N SER B 122 6.58 0.68 -10.06
CA SER B 122 7.62 -0.02 -9.30
C SER B 122 8.94 0.53 -9.77
N GLY B 123 10.02 -0.25 -9.58
CA GLY B 123 11.32 0.26 -9.98
C GLY B 123 12.37 -0.84 -9.83
N VAL B 124 13.57 -0.53 -10.32
CA VAL B 124 14.74 -1.33 -9.97
C VAL B 124 15.71 -0.41 -9.25
N THR B 125 16.46 -0.98 -8.30
CA THR B 125 17.38 -0.20 -7.46
C THR B 125 18.72 -0.88 -7.36
N LEU B 126 19.77 -0.17 -7.75
CA LEU B 126 21.13 -0.61 -7.50
C LEU B 126 21.58 -0.09 -6.14
N HIS B 127 22.06 -1.00 -5.29
CA HIS B 127 22.48 -0.61 -3.94
C HIS B 127 23.71 -1.40 -3.50
N ARG B 128 24.41 -0.84 -2.51
CA ARG B 128 25.45 -1.60 -1.83
C ARG B 128 24.81 -2.71 -1.04
N ILE B 129 25.46 -3.87 -0.96
CA ILE B 129 25.02 -4.93 -0.05
C ILE B 129 25.51 -4.64 1.37
N ASP B 130 24.58 -4.62 2.32
CA ASP B 130 24.96 -4.64 3.75
C ASP B 130 24.37 -5.91 4.35
N ASN B 131 24.46 -6.12 5.66
CA ASN B 131 24.06 -7.37 6.21
C ASN B 131 22.56 -7.61 6.31
N GLY B 132 21.78 -6.58 6.05
CA GLY B 132 20.31 -6.72 6.01
C GLY B 132 19.79 -7.07 4.62
N ILE B 133 18.50 -7.35 4.62
CA ILE B 133 17.83 -7.72 3.36
C ILE B 133 17.37 -6.48 2.57
N ASP B 134 18.10 -6.20 1.51
CA ASP B 134 17.85 -5.08 0.60
C ASP B 134 17.87 -3.74 1.33
N THR B 135 18.72 -3.62 2.34
CA THR B 135 18.77 -2.45 3.24
C THR B 135 19.92 -1.49 2.96
N GLY B 136 20.86 -1.90 2.12
CA GLY B 136 22.05 -1.06 1.89
C GLY B 136 21.86 0.21 1.10
N ASN B 137 22.87 1.06 1.09
CA ASN B 137 22.72 2.40 0.55
C ASN B 137 22.48 2.35 -0.96
N ILE B 138 21.57 3.23 -1.40
CA ILE B 138 21.16 3.27 -2.79
C ILE B 138 22.17 4.03 -3.64
N ILE B 139 22.56 3.43 -4.77
CA ILE B 139 23.45 4.08 -5.75
C ILE B 139 22.62 4.66 -6.88
N ASP B 140 21.64 3.93 -7.41
CA ASP B 140 20.80 4.46 -8.52
C ASP B 140 19.49 3.73 -8.49
N GLN B 141 18.47 4.36 -9.05
CA GLN B 141 17.12 3.81 -9.09
C GLN B 141 16.45 4.26 -10.39
N HIS B 142 15.71 3.35 -10.98
CA HIS B 142 14.85 3.72 -12.11
C HIS B 142 13.45 3.23 -11.81
N CYS B 143 12.49 4.15 -11.75
CA CYS B 143 11.07 3.85 -11.52
C CYS B 143 10.31 3.75 -12.83
N PHE B 144 9.31 2.90 -12.89
CA PHE B 144 8.57 2.71 -14.14
C PHE B 144 7.14 2.26 -13.78
N PRO B 145 6.18 2.44 -14.72
CA PRO B 145 4.79 2.11 -14.40
C PRO B 145 4.48 0.63 -14.32
N ILE B 146 3.54 0.30 -13.45
CA ILE B 146 2.84 -0.99 -13.52
C ILE B 146 1.55 -0.67 -14.29
N ASP B 147 1.46 -1.07 -15.56
CA ASP B 147 0.26 -0.74 -16.32
C ASP B 147 -0.91 -1.48 -15.70
N ILE B 148 -2.10 -0.92 -15.88
CA ILE B 148 -3.22 -1.39 -15.11
C ILE B 148 -3.52 -2.87 -15.32
N ASN B 149 -3.27 -3.42 -16.51
CA ASN B 149 -3.54 -4.84 -16.72
C ASN B 149 -2.29 -5.70 -16.76
N ASP B 150 -1.17 -5.16 -16.29
CA ASP B 150 0.03 -6.01 -16.19
C ASP B 150 -0.17 -7.12 -15.16
N THR B 151 0.35 -8.29 -15.46
CA THR B 151 0.39 -9.40 -14.48
C THR B 151 1.76 -9.37 -13.76
N ALA B 152 1.85 -10.22 -12.75
CA ALA B 152 3.14 -10.40 -12.09
C ALA B 152 4.23 -10.74 -13.11
N ARG B 153 3.92 -11.60 -14.07
CA ARG B 153 4.91 -12.00 -15.05
C ARG B 153 5.33 -10.80 -15.90
N ASP B 154 4.35 -9.97 -16.33
CA ASP B 154 4.70 -8.78 -17.10
C ASP B 154 5.60 -7.86 -16.31
N LEU B 155 5.28 -7.65 -15.04
CA LEU B 155 6.17 -6.83 -14.18
C LEU B 155 7.58 -7.43 -14.06
N TYR B 156 7.66 -8.75 -13.89
CA TYR B 156 8.97 -9.40 -13.79
C TYR B 156 9.80 -9.14 -15.04
N PHE B 157 9.22 -9.28 -16.22
CA PHE B 157 9.98 -9.00 -17.45
C PHE B 157 10.42 -7.54 -17.56
N ASN B 158 9.61 -6.62 -17.03
CA ASN B 158 10.07 -5.23 -16.94
C ASN B 158 11.23 -5.08 -15.94
N TYR B 159 11.18 -5.74 -14.79
CA TYR B 159 12.36 -5.68 -13.90
C TYR B 159 13.60 -6.21 -14.63
N LEU B 160 13.49 -7.31 -15.40
CA LEU B 160 14.69 -7.82 -16.09
C LEU B 160 15.24 -6.78 -17.05
N LYS B 161 14.36 -6.13 -17.81
CA LYS B 161 14.78 -5.12 -18.80
C LYS B 161 15.39 -3.90 -18.11
N TYR B 162 14.67 -3.30 -17.17
CA TYR B 162 15.20 -2.09 -16.54
C TYR B 162 16.41 -2.43 -15.66
N GLY B 163 16.45 -3.63 -15.08
CA GLY B 163 17.61 -4.02 -14.25
C GLY B 163 18.86 -4.17 -15.10
N GLU B 164 18.73 -4.78 -16.27
CA GLU B 164 19.86 -4.87 -17.19
C GLU B 164 20.33 -3.46 -17.59
N SER B 165 19.38 -2.57 -17.84
CA SER B 165 19.75 -1.22 -18.21
C SER B 165 20.48 -0.49 -17.07
N ILE B 166 20.03 -0.63 -15.82
CA ILE B 166 20.65 0.14 -14.75
C ILE B 166 22.03 -0.44 -14.45
N PHE B 167 22.22 -1.74 -14.68
CA PHE B 167 23.56 -2.34 -14.62
C PHE B 167 24.51 -1.66 -15.60
N LYS B 168 24.12 -1.57 -16.86
CA LYS B 168 24.98 -0.95 -17.87
C LYS B 168 25.21 0.51 -17.55
N LYS B 169 24.21 1.21 -17.02
CA LYS B 169 24.33 2.65 -16.79
C LYS B 169 25.40 2.91 -15.71
N ASN B 170 25.58 1.99 -14.77
CA ASN B 170 26.36 2.25 -13.57
C ASN B 170 27.67 1.50 -13.53
N ILE B 171 27.89 0.55 -14.42
CA ILE B 171 29.06 -0.32 -14.24
C ILE B 171 30.41 0.41 -14.32
N GLN B 172 30.54 1.42 -15.18
CA GLN B 172 31.83 2.10 -15.26
C GLN B 172 32.20 2.80 -13.95
N THR B 173 31.24 3.46 -13.28
CA THR B 173 31.54 4.07 -11.98
C THR B 173 31.79 3.08 -10.88
N ILE B 174 31.21 1.88 -10.98
CA ILE B 174 31.51 0.79 -10.05
CA ILE B 174 31.54 0.86 -10.00
C ILE B 174 32.96 0.33 -10.27
N ILE B 175 33.30 0.11 -11.54
CA ILE B 175 34.66 -0.34 -11.86
C ILE B 175 35.71 0.70 -11.42
N ASN B 176 35.44 1.97 -11.64
CA ASN B 176 36.43 2.96 -11.23
CA ASN B 176 36.33 3.08 -11.27
C ASN B 176 36.23 3.45 -9.80
N ASN B 177 35.33 2.80 -9.07
CA ASN B 177 35.06 3.06 -7.67
C ASN B 177 34.78 4.53 -7.39
N SER B 178 34.01 5.17 -8.26
CA SER B 178 33.70 6.59 -8.13
C SER B 178 32.21 6.86 -7.93
N TYR B 179 31.46 5.78 -7.68
CA TYR B 179 30.01 5.89 -7.52
C TYR B 179 29.65 6.65 -6.24
N LYS B 180 28.45 7.22 -6.21
CA LYS B 180 27.89 7.84 -5.01
C LYS B 180 26.72 7.04 -4.47
N ASP B 181 26.47 7.14 -3.17
CA ASP B 181 25.33 6.45 -2.61
C ASP B 181 24.71 7.26 -1.49
N LEU B 182 23.51 6.84 -1.07
CA LEU B 182 22.77 7.54 -0.03
CA LEU B 182 22.77 7.55 -0.04
C LEU B 182 22.03 6.52 0.82
N LYS B 183 22.05 6.68 2.14
CA LYS B 183 21.30 5.81 3.05
CA LYS B 183 21.34 5.74 2.98
C LYS B 183 19.84 5.74 2.67
N GLN B 184 19.22 4.57 2.82
CA GLN B 184 17.77 4.49 2.66
C GLN B 184 17.09 5.15 3.84
N THR B 185 15.94 5.78 3.58
CA THR B 185 15.15 6.34 4.66
CA THR B 185 15.08 6.34 4.62
C THR B 185 14.40 5.27 5.45
N ASN B 186 13.99 5.61 6.67
CA ASN B 186 13.11 4.77 7.44
C ASN B 186 11.67 4.80 6.92
N ILE B 187 11.20 5.98 6.52
CA ILE B 187 9.81 6.04 6.12
CA ILE B 187 9.84 6.14 6.07
C ILE B 187 9.67 5.44 4.72
N ASN B 188 8.50 4.87 4.50
CA ASN B 188 8.12 4.17 3.28
C ASN B 188 8.76 2.79 3.18
N SER B 189 9.67 2.43 4.08
CA SER B 189 10.35 1.14 3.98
C SER B 189 9.34 0.04 4.30
N SER B 190 9.25 -0.97 3.43
CA SER B 190 8.36 -2.11 3.62
C SER B 190 9.07 -3.42 3.20
N TYR B 191 8.55 -4.55 3.68
CA TYR B 191 9.23 -5.82 3.55
C TYR B 191 8.21 -6.94 3.57
N PHE B 192 8.42 -7.92 2.67
CA PHE B 192 7.61 -9.12 2.67
C PHE B 192 8.51 -10.34 2.59
N SER B 193 8.20 -11.32 3.43
CA SER B 193 8.86 -12.61 3.41
C SER B 193 8.02 -13.68 2.73
N ARG B 194 8.62 -14.82 2.43
CA ARG B 194 7.86 -15.90 1.81
C ARG B 194 6.66 -16.33 2.64
N LYS B 195 6.76 -16.32 3.97
CA LYS B 195 5.62 -16.65 4.83
C LYS B 195 4.46 -15.67 4.70
N ASP B 196 4.72 -14.44 4.27
CA ASP B 196 3.67 -13.41 4.17
C ASP B 196 2.78 -13.60 2.96
N ILE B 197 3.22 -14.43 2.01
CA ILE B 197 2.48 -14.53 0.76
C ILE B 197 2.01 -15.97 0.63
N ASN B 198 0.71 -16.17 0.54
CA ASN B 198 0.17 -17.48 0.19
C ASN B 198 -0.06 -17.46 -1.32
N LEU B 199 0.75 -18.26 -2.02
CA LEU B 199 0.64 -18.36 -3.47
C LEU B 199 -0.67 -18.96 -3.99
N VAL B 200 -1.41 -19.65 -3.14
CA VAL B 200 -2.77 -20.06 -3.48
C VAL B 200 -3.69 -19.05 -2.81
N HIS B 201 -3.86 -17.91 -3.49
CA HIS B 201 -4.52 -16.78 -2.87
C HIS B 201 -6.05 -16.96 -2.95
N LYS B 202 -6.69 -16.81 -1.81
CA LYS B 202 -8.14 -16.82 -1.79
C LYS B 202 -8.60 -15.37 -1.94
N ILE B 203 -9.34 -15.10 -3.00
CA ILE B 203 -9.73 -13.72 -3.30
C ILE B 203 -10.82 -13.25 -2.35
N ASN B 204 -10.63 -12.06 -1.77
CA ASN B 204 -11.67 -11.37 -1.02
C ASN B 204 -12.42 -10.50 -2.02
N PHE B 205 -13.65 -10.90 -2.30
CA PHE B 205 -14.53 -10.19 -3.21
C PHE B 205 -15.25 -8.98 -2.58
N LYS B 206 -15.21 -8.87 -1.25
CA LYS B 206 -15.77 -7.68 -0.60
C LYS B 206 -14.74 -6.57 -0.55
N LYS B 207 -14.37 -6.13 -1.75
CA LYS B 207 -13.28 -5.23 -2.02
C LYS B 207 -13.62 -4.40 -3.25
N THR B 208 -12.86 -3.38 -3.59
CA THR B 208 -13.13 -2.62 -4.81
C THR B 208 -12.77 -3.46 -6.04
N SER B 209 -13.26 -3.08 -7.21
CA SER B 209 -12.84 -3.75 -8.45
C SER B 209 -11.32 -3.70 -8.61
N PHE B 210 -10.71 -2.54 -8.36
CA PHE B 210 -9.23 -2.43 -8.46
C PHE B 210 -8.57 -3.44 -7.53
N GLU B 211 -9.06 -3.58 -6.30
CA GLU B 211 -8.47 -4.57 -5.38
C GLU B 211 -8.71 -6.01 -5.84
N ILE B 212 -9.90 -6.37 -6.34
CA ILE B 212 -10.13 -7.74 -6.81
C ILE B 212 -9.22 -8.02 -8.02
N HIS B 213 -9.15 -7.08 -8.95
CA HIS B 213 -8.32 -7.22 -10.15
C HIS B 213 -6.85 -7.37 -9.69
N ASN B 214 -6.38 -6.59 -8.70
CA ASN B 214 -5.01 -6.74 -8.22
C ASN B 214 -4.78 -8.08 -7.58
N GLN B 215 -5.72 -8.59 -6.80
CA GLN B 215 -5.63 -9.89 -6.20
C GLN B 215 -5.53 -11.02 -7.20
N ILE B 216 -6.11 -10.83 -8.39
CA ILE B 216 -6.03 -11.81 -9.46
C ILE B 216 -4.66 -11.69 -10.17
N ARG B 217 -4.35 -10.53 -10.71
CA ARG B 217 -3.23 -10.37 -11.62
C ARG B 217 -1.87 -10.48 -10.91
N ALA B 218 -1.80 -10.16 -9.62
CA ALA B 218 -0.58 -10.33 -8.82
C ALA B 218 -0.12 -11.76 -8.78
N PHE B 219 -1.01 -12.72 -9.03
CA PHE B 219 -0.64 -14.13 -9.02
C PHE B 219 -0.60 -14.81 -10.38
N ILE B 220 -0.71 -14.02 -11.46
CA ILE B 220 -0.59 -14.60 -12.78
C ILE B 220 0.87 -14.65 -13.21
N PHE B 221 1.47 -15.85 -13.10
CA PHE B 221 2.86 -16.00 -13.53
C PHE B 221 2.99 -17.50 -13.84
N GLN B 222 2.63 -17.82 -15.09
CA GLN B 222 2.25 -19.19 -15.46
C GLN B 222 3.34 -20.25 -15.19
N GLU B 223 4.60 -19.87 -15.32
CA GLU B 223 5.67 -20.82 -15.02
C GLU B 223 5.63 -21.33 -13.59
N TYR B 224 5.01 -20.59 -12.68
CA TYR B 224 4.88 -20.93 -11.28
C TYR B 224 3.45 -21.33 -10.95
N GLN B 225 2.48 -20.43 -11.18
CA GLN B 225 1.10 -20.74 -10.85
C GLN B 225 0.16 -19.79 -11.57
N LEU B 226 -1.12 -20.13 -11.61
CA LEU B 226 -2.17 -19.20 -12.03
C LEU B 226 -3.24 -19.21 -10.97
N PRO B 227 -3.92 -18.08 -10.78
CA PRO B 227 -5.06 -18.06 -9.86
C PRO B 227 -6.20 -18.94 -10.36
N ILE B 228 -6.94 -19.52 -9.42
CA ILE B 228 -8.09 -20.37 -9.76
C ILE B 228 -9.34 -19.73 -9.21
N ILE B 229 -10.35 -19.50 -10.07
CA ILE B 229 -11.67 -18.99 -9.65
C ILE B 229 -12.66 -20.04 -10.10
N ASN B 230 -13.53 -20.50 -9.20
CA ASN B 230 -14.55 -21.52 -9.55
C ASN B 230 -13.90 -22.62 -10.41
N ASN B 231 -12.79 -23.15 -9.92
CA ASN B 231 -12.15 -24.30 -10.56
C ASN B 231 -11.71 -24.01 -12.00
N SER B 232 -11.31 -22.77 -12.27
CA SER B 232 -10.82 -22.38 -13.60
C SER B 232 -9.56 -21.54 -13.43
N LYS B 233 -8.50 -21.92 -14.13
CA LYS B 233 -7.26 -21.11 -14.13
C LYS B 233 -7.46 -19.82 -14.91
N ILE B 234 -6.97 -18.71 -14.38
CA ILE B 234 -7.09 -17.40 -14.99
C ILE B 234 -5.76 -16.95 -15.58
N ILE B 235 -5.77 -16.53 -16.84
CA ILE B 235 -4.54 -16.09 -17.50
C ILE B 235 -4.43 -14.58 -17.65
N LYS B 236 -5.53 -13.83 -17.53
CA LYS B 236 -5.47 -12.39 -17.72
C LYS B 236 -6.63 -11.77 -16.98
N SER B 237 -6.39 -10.59 -16.40
CA SER B 237 -7.48 -9.76 -15.85
C SER B 237 -7.46 -8.39 -16.46
N ILE B 238 -8.65 -7.91 -16.87
CA ILE B 238 -8.75 -6.63 -17.55
C ILE B 238 -9.70 -5.74 -16.73
N LEU B 239 -9.23 -4.58 -16.28
CA LEU B 239 -10.07 -3.65 -15.48
C LEU B 239 -10.47 -2.46 -16.33
N ALA B 240 -11.78 -2.24 -16.40
CA ALA B 240 -12.31 -1.12 -17.19
C ALA B 240 -12.87 -0.05 -16.27
N ASN B 241 -13.10 1.15 -16.82
CA ASN B 241 -13.78 2.26 -16.14
C ASN B 241 -15.31 2.13 -16.22
N GLU B 242 -15.86 1.11 -16.84
CA GLU B 242 -17.31 1.03 -17.03
C GLU B 242 -17.94 0.56 -15.73
N PHE B 243 -18.98 1.29 -15.29
CA PHE B 243 -19.75 0.90 -14.14
C PHE B 243 -20.79 -0.14 -14.55
N ILE B 244 -20.90 -1.28 -13.88
CA ILE B 244 -21.81 -2.36 -14.27
C ILE B 244 -22.71 -2.79 -13.13
N GLY B 245 -22.71 -1.98 -12.06
CA GLY B 245 -23.40 -2.34 -10.84
C GLY B 245 -22.44 -2.92 -9.80
N TYR B 246 -22.86 -2.93 -8.55
CA TYR B 246 -22.01 -3.41 -7.44
C TYR B 246 -22.00 -4.91 -7.35
N ASN B 247 -20.83 -5.50 -7.03
CA ASN B 247 -20.79 -6.88 -6.58
C ASN B 247 -21.33 -7.87 -7.62
N VAL B 248 -20.95 -7.64 -8.86
CA VAL B 248 -21.29 -8.58 -9.92
C VAL B 248 -20.35 -9.79 -9.92
N PHE B 249 -20.83 -11.01 -10.12
CA PHE B 249 -19.96 -12.15 -10.38
C PHE B 249 -20.76 -13.11 -11.27
N GLU B 250 -20.22 -13.38 -12.45
CA GLU B 250 -20.86 -14.30 -13.39
C GLU B 250 -19.80 -15.09 -14.15
N GLU B 251 -19.95 -16.41 -14.18
CA GLU B 251 -19.05 -17.31 -14.88
C GLU B 251 -19.58 -17.62 -16.28
N PHE B 252 -18.71 -17.53 -17.28
CA PHE B 252 -18.98 -17.96 -18.66
C PHE B 252 -17.94 -18.99 -19.09
N GLU B 253 -18.10 -19.56 -20.28
CA GLU B 253 -17.20 -20.62 -20.77
C GLU B 253 -15.76 -20.14 -20.79
N ASN B 254 -15.55 -18.89 -21.19
CA ASN B 254 -14.20 -18.39 -21.46
C ASN B 254 -13.69 -17.29 -20.52
N TYR B 255 -14.51 -16.83 -19.60
CA TYR B 255 -14.12 -15.69 -18.74
C TYR B 255 -15.14 -15.58 -17.62
N PHE B 256 -14.79 -14.75 -16.63
CA PHE B 256 -15.75 -14.23 -15.66
C PHE B 256 -15.92 -12.75 -15.81
N ILE B 257 -17.12 -12.27 -15.53
CA ILE B 257 -17.37 -10.83 -15.42
C ILE B 257 -17.57 -10.58 -13.93
N ILE B 258 -16.81 -9.61 -13.37
CA ILE B 258 -16.78 -9.39 -11.92
C ILE B 258 -16.76 -7.89 -11.68
N SER B 259 -17.44 -7.47 -10.60
CA SER B 259 -17.19 -6.11 -10.07
C SER B 259 -17.22 -6.18 -8.55
N GLY B 260 -16.51 -5.22 -7.97
CA GLY B 260 -16.46 -5.15 -6.51
C GLY B 260 -17.42 -4.11 -5.95
N ILE B 261 -17.07 -3.57 -4.79
CA ILE B 261 -18.03 -2.72 -4.08
C ILE B 261 -18.20 -1.36 -4.72
N ASP B 262 -17.35 -1.01 -5.68
CA ASP B 262 -17.48 0.21 -6.44
C ASP B 262 -17.96 -0.03 -7.88
N GLY B 263 -18.22 -1.28 -8.25
CA GLY B 263 -19.04 -1.50 -9.46
C GLY B 263 -18.29 -1.43 -10.77
N PHE B 264 -16.97 -1.38 -10.86
CA PHE B 264 -16.27 -1.29 -12.16
C PHE B 264 -16.01 -2.68 -12.75
N LYS B 265 -16.23 -2.79 -14.07
CA LYS B 265 -16.13 -4.07 -14.78
C LYS B 265 -14.69 -4.64 -14.81
N ILE B 266 -14.61 -5.88 -14.41
CA ILE B 266 -13.43 -6.74 -14.60
C ILE B 266 -13.84 -7.90 -15.51
N ILE B 267 -12.96 -8.21 -16.47
CA ILE B 267 -13.08 -9.45 -17.24
C ILE B 267 -11.87 -10.31 -16.83
N ALA B 268 -12.12 -11.48 -16.25
CA ALA B 268 -11.05 -12.41 -15.85
C ALA B 268 -11.09 -13.52 -16.90
N GLN B 269 -10.10 -13.58 -17.80
CA GLN B 269 -10.07 -14.56 -18.88
CA GLN B 269 -10.03 -14.56 -18.90
CA GLN B 269 -10.06 -14.55 -18.88
C GLN B 269 -9.55 -15.92 -18.42
N LYS B 270 -10.28 -16.99 -18.73
CA LYS B 270 -9.85 -18.35 -18.45
C LYS B 270 -8.74 -18.79 -19.38
N LEU B 271 -7.83 -19.61 -18.84
CA LEU B 271 -6.74 -20.14 -19.64
C LEU B 271 -7.25 -20.97 -20.81
N ASN B 272 -8.45 -21.55 -20.70
CA ASN B 272 -8.92 -22.43 -21.77
C ASN B 272 -9.41 -21.67 -23.01
N LYS B 273 -9.57 -20.35 -22.93
CA LYS B 273 -10.00 -19.56 -24.09
CA LYS B 273 -10.04 -19.68 -24.13
C LYS B 273 -8.99 -19.81 -25.22
N LEU B 274 -9.47 -20.09 -26.43
CA LEU B 274 -8.58 -20.38 -27.54
C LEU B 274 -7.73 -19.18 -27.91
#